data_7URP
#
_entry.id   7URP
#
_cell.length_a   120.570
_cell.length_b   30.050
_cell.length_c   49.940
_cell.angle_alpha   90.000
_cell.angle_beta   94.530
_cell.angle_gamma   90.000
#
_symmetry.space_group_name_H-M   'C 1 2 1'
#
loop_
_entity.id
_entity.type
_entity.pdbx_description
1 polymer 'Ribonucleases G and E'
2 non-polymer 1,2-ETHANEDIOL
3 non-polymer 'CALCIUM ION'
4 non-polymer 'SODIUM ION'
5 water water
#
_entity_poly.entity_id   1
_entity_poly.type   'polypeptide(L)'
_entity_poly.pdbx_seq_one_letter_code
;AVDNLTINATSNICQANGSGTFNVGDKVSVYYLLDTKDAQLEEVQWALTYDKNLLTLDSLTMPEIADGMVNMDDVSGNAS
NLALYDFAGGKKLVEAVFTVNGTGTTNVDLNVVDLTLGKLNPATGTVDADSEYEAVVNGDMANDLFDHINSDAKVEAYVE
;
_entity_poly.pdbx_strand_id   A
#
# COMPACT_ATOMS: atom_id res chain seq x y z
N ALA A 1 1.30 5.27 29.43
CA ALA A 1 0.34 6.41 29.49
C ALA A 1 -1.08 5.90 29.22
N VAL A 2 -2.07 6.49 29.91
CA VAL A 2 -3.49 6.09 29.72
C VAL A 2 -4.10 6.88 28.54
N ASP A 3 -3.53 8.03 28.17
CA ASP A 3 -3.87 8.80 26.93
C ASP A 3 -3.57 7.97 25.69
N ASN A 4 -4.24 8.30 24.59
CA ASN A 4 -4.26 7.41 23.40
C ASN A 4 -3.59 8.08 22.22
N LEU A 5 -3.36 7.26 21.20
CA LEU A 5 -2.84 7.74 19.90
C LEU A 5 -3.91 7.50 18.82
N THR A 6 -4.26 8.56 18.11
CA THR A 6 -5.10 8.47 16.91
C THR A 6 -4.16 8.39 15.70
N ILE A 7 -4.32 7.34 14.92
CA ILE A 7 -3.49 7.12 13.73
C ILE A 7 -4.39 7.32 12.51
N ASN A 8 -4.01 8.27 11.65
CA ASN A 8 -4.68 8.53 10.36
C ASN A 8 -3.79 7.97 9.26
N ALA A 9 -4.37 7.14 8.41
CA ALA A 9 -3.65 6.50 7.30
C ALA A 9 -4.09 7.17 6.00
N THR A 10 -3.12 7.68 5.25
CA THR A 10 -3.35 8.39 3.98
C THR A 10 -2.49 7.74 2.91
N SER A 11 -2.83 8.06 1.68
CA SER A 11 -2.02 7.71 0.52
C SER A 11 -2.38 8.65 -0.62
N ASN A 12 -1.43 8.92 -1.50
CA ASN A 12 -1.75 9.71 -2.71
C ASN A 12 -2.81 8.98 -3.52
N ILE A 13 -2.83 7.64 -3.50
CA ILE A 13 -3.78 6.88 -4.36
C ILE A 13 -5.06 6.52 -3.61
N CYS A 14 -5.29 7.05 -2.42
CA CYS A 14 -6.54 6.83 -1.68
C CYS A 14 -7.31 8.14 -1.57
N GLN A 15 -8.56 8.16 -2.00
CA GLN A 15 -9.37 9.38 -1.94
C GLN A 15 -9.77 9.70 -0.49
N ALA A 16 -9.94 8.67 0.35
CA ALA A 16 -10.34 8.83 1.76
C ALA A 16 -9.20 8.35 2.65
N ASN A 17 -9.18 8.81 3.89
CA ASN A 17 -8.20 8.35 4.88
C ASN A 17 -8.84 7.26 5.74
N GLY A 18 -8.01 6.45 6.38
CA GLY A 18 -8.42 5.52 7.43
C GLY A 18 -8.02 6.08 8.78
N SER A 19 -8.66 5.63 9.83
CA SER A 19 -8.33 6.16 11.18
C SER A 19 -8.68 5.12 12.24
N GLY A 20 -7.93 5.16 13.32
CA GLY A 20 -8.25 4.40 14.53
C GLY A 20 -7.54 5.02 15.70
N THR A 21 -8.05 4.79 16.89
CA THR A 21 -7.48 5.29 18.16
C THR A 21 -7.13 4.10 19.04
N PHE A 22 -5.95 4.16 19.65
CA PHE A 22 -5.36 2.98 20.33
C PHE A 22 -4.67 3.38 21.62
N ASN A 23 -4.58 2.40 22.49
CA ASN A 23 -3.82 2.54 23.75
C ASN A 23 -2.32 2.48 23.46
N VAL A 24 -1.55 3.19 24.27
CA VAL A 24 -0.08 3.01 24.32
C VAL A 24 0.19 1.53 24.59
N GLY A 25 1.10 0.96 23.80
CA GLY A 25 1.50 -0.46 23.88
C GLY A 25 0.74 -1.34 22.92
N ASP A 26 -0.35 -0.85 22.33
CA ASP A 26 -1.15 -1.65 21.37
C ASP A 26 -0.33 -1.88 20.10
N LYS A 27 -0.56 -3.01 19.47
CA LYS A 27 -0.05 -3.31 18.12
C LYS A 27 -1.14 -3.01 17.09
N VAL A 28 -0.75 -2.33 16.02
CA VAL A 28 -1.69 -1.78 15.02
C VAL A 28 -1.20 -2.16 13.64
N SER A 29 -2.13 -2.61 12.80
CA SER A 29 -1.89 -2.83 11.36
CA SER A 29 -1.86 -2.82 11.36
C SER A 29 -2.38 -1.61 10.60
N VAL A 30 -1.52 -1.02 9.77
CA VAL A 30 -1.93 0.01 8.80
C VAL A 30 -1.73 -0.64 7.45
N TYR A 31 -2.78 -0.75 6.66
CA TYR A 31 -2.62 -1.40 5.35
C TYR A 31 -3.43 -0.65 4.32
N TYR A 32 -3.01 -0.87 3.10
CA TYR A 32 -3.55 -0.17 1.92
C TYR A 32 -4.05 -1.22 0.95
N LEU A 33 -5.35 -1.19 0.69
CA LEU A 33 -6.00 -2.11 -0.25
C LEU A 33 -5.91 -1.50 -1.64
N LEU A 34 -5.60 -2.35 -2.61
CA LEU A 34 -5.64 -2.00 -4.03
C LEU A 34 -6.54 -3.00 -4.76
N ASP A 35 -7.46 -2.50 -5.54
CA ASP A 35 -8.31 -3.33 -6.43
C ASP A 35 -7.99 -2.89 -7.85
N THR A 36 -7.48 -3.82 -8.64
CA THR A 36 -7.12 -3.57 -10.06
C THR A 36 -8.27 -3.92 -11.00
N LYS A 37 -9.47 -4.11 -10.46
CA LYS A 37 -10.72 -4.30 -11.25
C LYS A 37 -10.54 -5.55 -12.12
N ASP A 38 -10.62 -5.44 -13.44
CA ASP A 38 -10.46 -6.65 -14.27
C ASP A 38 -9.04 -6.77 -14.80
N ALA A 39 -8.12 -5.93 -14.34
CA ALA A 39 -6.70 -5.99 -14.69
C ALA A 39 -5.90 -6.46 -13.49
N GLN A 40 -4.59 -6.44 -13.62
CA GLN A 40 -3.64 -6.93 -12.61
C GLN A 40 -2.56 -5.89 -12.41
N LEU A 41 -1.81 -5.97 -11.31
N LEU A 41 -1.78 -6.09 -11.36
CA LEU A 41 -0.63 -5.11 -11.10
CA LEU A 41 -0.62 -5.23 -11.07
C LEU A 41 0.57 -5.71 -11.81
C LEU A 41 0.62 -5.74 -11.79
N GLU A 42 1.33 -4.88 -12.52
CA GLU A 42 2.64 -5.27 -13.07
C GLU A 42 3.78 -4.75 -12.21
N GLU A 43 3.75 -3.47 -11.86
CA GLU A 43 4.93 -2.80 -11.26
C GLU A 43 4.43 -1.80 -10.24
N VAL A 44 5.15 -1.73 -9.12
CA VAL A 44 4.87 -0.68 -8.12
C VAL A 44 6.19 -0.27 -7.47
N GLN A 45 6.25 1.00 -7.12
CA GLN A 45 7.33 1.55 -6.27
C GLN A 45 6.65 2.48 -5.29
N TRP A 46 6.99 2.35 -4.01
CA TRP A 46 6.33 3.13 -2.96
C TRP A 46 7.31 3.44 -1.83
N ALA A 47 6.94 4.44 -1.04
CA ALA A 47 7.63 4.77 0.20
C ALA A 47 6.58 5.04 1.26
N LEU A 48 6.84 4.62 2.48
CA LEU A 48 5.88 4.84 3.59
C LEU A 48 6.55 5.77 4.60
N THR A 49 5.78 6.73 5.10
CA THR A 49 6.29 7.64 6.12
C THR A 49 5.47 7.49 7.39
N TYR A 50 6.15 7.64 8.52
CA TYR A 50 5.51 7.62 9.85
C TYR A 50 6.42 8.36 10.81
N ASP A 51 5.89 8.63 12.00
CA ASP A 51 6.59 9.41 13.03
C ASP A 51 7.19 8.43 14.04
N LYS A 52 8.50 8.26 13.98
CA LYS A 52 9.22 7.36 14.92
C LYS A 52 9.12 7.84 16.37
N ASN A 53 8.75 9.10 16.61
CA ASN A 53 8.55 9.57 18.00
C ASN A 53 7.34 8.91 18.63
N LEU A 54 6.39 8.45 17.83
CA LEU A 54 5.09 7.97 18.37
C LEU A 54 4.84 6.50 18.07
N LEU A 55 5.49 5.96 17.05
CA LEU A 55 5.26 4.57 16.61
C LEU A 55 6.61 3.89 16.43
N THR A 56 6.64 2.59 16.66
CA THR A 56 7.78 1.72 16.31
C THR A 56 7.30 0.75 15.23
N LEU A 57 8.00 0.73 14.10
CA LEU A 57 7.68 -0.20 12.99
C LEU A 57 8.20 -1.59 13.33
N ASP A 58 7.29 -2.56 13.39
CA ASP A 58 7.59 -3.96 13.73
C ASP A 58 7.71 -4.81 12.46
N SER A 59 6.93 -4.51 11.43
CA SER A 59 7.02 -5.27 10.18
CA SER A 59 6.88 -5.33 10.20
C SER A 59 6.48 -4.42 9.04
N LEU A 60 7.01 -4.66 7.85
CA LEU A 60 6.62 -3.93 6.65
C LEU A 60 6.68 -4.92 5.50
N THR A 61 5.53 -5.18 4.87
CA THR A 61 5.43 -6.24 3.85
C THR A 61 4.53 -5.81 2.70
N MET A 62 4.70 -6.51 1.59
CA MET A 62 3.72 -6.57 0.47
C MET A 62 3.16 -7.98 0.50
N PRO A 63 2.04 -8.18 1.22
CA PRO A 63 1.54 -9.53 1.49
C PRO A 63 1.21 -10.39 0.24
N GLU A 64 0.92 -9.75 -0.89
CA GLU A 64 0.52 -10.46 -2.13
C GLU A 64 1.68 -10.65 -3.09
N ILE A 65 2.85 -10.15 -2.75
CA ILE A 65 3.95 -10.01 -3.73
C ILE A 65 5.16 -10.74 -3.15
N ALA A 66 5.33 -12.01 -3.51
CA ALA A 66 6.32 -12.89 -2.85
C ALA A 66 7.74 -12.47 -3.25
N ASP A 67 7.91 -11.92 -4.44
CA ASP A 67 9.24 -11.57 -5.00
C ASP A 67 9.46 -10.06 -4.91
N GLY A 68 8.68 -9.37 -4.10
CA GLY A 68 8.87 -7.93 -3.89
C GLY A 68 10.11 -7.67 -3.05
N MET A 69 10.67 -6.45 -3.17
CA MET A 69 11.80 -5.96 -2.36
C MET A 69 11.26 -4.93 -1.38
N VAL A 70 11.53 -5.13 -0.10
CA VAL A 70 11.22 -4.11 0.93
C VAL A 70 12.54 -3.66 1.54
N ASN A 71 12.79 -2.36 1.48
CA ASN A 71 13.99 -1.69 2.04
C ASN A 71 13.57 -1.16 3.41
N MET A 72 13.99 -1.82 4.49
CA MET A 72 13.57 -1.47 5.87
C MET A 72 14.24 -0.16 6.31
N ASP A 73 15.43 0.15 5.78
CA ASP A 73 16.18 1.38 6.13
C ASP A 73 15.42 2.61 5.59
N ASP A 74 15.03 2.57 4.32
CA ASP A 74 14.39 3.72 3.62
C ASP A 74 12.86 3.63 3.79
N VAL A 75 12.35 2.52 4.31
CA VAL A 75 10.88 2.30 4.53
C VAL A 75 10.20 2.43 3.15
N SER A 76 10.62 1.58 2.23
CA SER A 76 10.19 1.67 0.82
C SER A 76 10.16 0.27 0.24
N GLY A 77 9.55 0.14 -0.92
CA GLY A 77 9.55 -1.15 -1.59
C GLY A 77 9.20 -1.05 -3.04
N ASN A 78 9.40 -2.14 -3.74
CA ASN A 78 9.13 -2.18 -5.19
C ASN A 78 8.90 -3.63 -5.61
N ALA A 79 8.26 -3.74 -6.76
CA ALA A 79 8.02 -5.04 -7.40
C ALA A 79 7.77 -4.80 -8.87
N SER A 80 8.13 -5.76 -9.68
CA SER A 80 7.84 -5.72 -11.12
C SER A 80 7.87 -7.15 -11.63
N ASN A 81 6.82 -7.56 -12.33
CA ASN A 81 6.82 -8.94 -12.85
C ASN A 81 5.93 -9.00 -14.09
N LEU A 82 6.47 -9.55 -15.17
CA LEU A 82 5.70 -9.74 -16.43
C LEU A 82 4.54 -10.73 -16.25
N ALA A 83 4.59 -11.58 -15.23
CA ALA A 83 3.51 -12.55 -14.96
C ALA A 83 2.36 -11.90 -14.22
N LEU A 84 2.57 -10.68 -13.69
CA LEU A 84 1.55 -9.85 -13.01
C LEU A 84 1.18 -10.44 -11.64
N TYR A 85 0.49 -9.60 -10.89
CA TYR A 85 -0.02 -9.93 -9.53
C TYR A 85 -1.51 -9.60 -9.51
N ASP A 86 -2.32 -10.58 -9.19
CA ASP A 86 -3.79 -10.41 -9.37
C ASP A 86 -4.39 -9.74 -8.14
N PHE A 87 -4.73 -8.47 -8.28
CA PHE A 87 -5.40 -7.67 -7.23
C PHE A 87 -6.88 -7.48 -7.53
N ALA A 88 -7.48 -8.33 -8.37
CA ALA A 88 -8.94 -8.26 -8.57
C ALA A 88 -9.67 -8.52 -7.24
N GLY A 89 -10.70 -7.71 -6.98
CA GLY A 89 -11.51 -7.79 -5.75
C GLY A 89 -10.92 -6.98 -4.61
N GLY A 90 -9.68 -6.51 -4.73
CA GLY A 90 -9.01 -5.76 -3.66
C GLY A 90 -8.21 -6.67 -2.76
N LYS A 91 -6.93 -6.36 -2.63
CA LYS A 91 -6.00 -7.09 -1.75
C LYS A 91 -5.06 -6.10 -1.11
N LYS A 92 -4.39 -6.54 -0.05
CA LYS A 92 -3.41 -5.67 0.61
C LYS A 92 -2.20 -5.48 -0.30
N LEU A 93 -1.91 -4.24 -0.60
CA LEU A 93 -0.71 -3.85 -1.37
C LEU A 93 0.51 -3.74 -0.45
N VAL A 94 0.35 -2.98 0.63
CA VAL A 94 1.40 -2.74 1.66
C VAL A 94 0.73 -2.89 3.02
N GLU A 95 1.40 -3.55 3.94
CA GLU A 95 0.94 -3.61 5.35
C GLU A 95 2.14 -3.29 6.23
N ALA A 96 1.92 -2.35 7.15
CA ALA A 96 2.88 -1.98 8.20
C ALA A 96 2.27 -2.32 9.55
N VAL A 97 3.02 -2.99 10.41
CA VAL A 97 2.57 -3.27 11.78
C VAL A 97 3.44 -2.41 12.70
N PHE A 98 2.79 -1.69 13.59
CA PHE A 98 3.46 -0.79 14.54
C PHE A 98 3.09 -1.15 15.98
N THR A 99 3.97 -0.75 16.89
CA THR A 99 3.64 -0.66 18.32
C THR A 99 3.44 0.82 18.62
N VAL A 100 2.38 1.13 19.36
CA VAL A 100 2.07 2.52 19.79
C VAL A 100 2.97 2.86 20.97
N ASN A 101 3.80 3.88 20.82
CA ASN A 101 4.67 4.33 21.93
C ASN A 101 4.18 5.65 22.52
N GLY A 102 3.68 6.56 21.72
CA GLY A 102 3.34 7.92 22.14
C GLY A 102 1.85 8.18 22.00
N THR A 103 1.47 9.43 22.22
CA THR A 103 0.05 9.83 22.28
C THR A 103 -0.18 11.04 21.38
N GLY A 104 -1.45 11.33 21.15
CA GLY A 104 -1.90 12.46 20.35
C GLY A 104 -2.47 11.96 19.04
N THR A 105 -2.09 12.60 17.95
CA THR A 105 -2.58 12.28 16.60
C THR A 105 -1.38 12.22 15.67
N THR A 106 -1.38 11.25 14.77
CA THR A 106 -0.23 11.06 13.85
C THR A 106 -0.74 10.54 12.52
N ASN A 107 0.08 10.70 11.51
CA ASN A 107 -0.22 10.30 10.12
C ASN A 107 0.76 9.21 9.69
N VAL A 108 0.22 8.19 9.03
CA VAL A 108 1.03 7.19 8.30
C VAL A 108 0.62 7.32 6.84
N ASP A 109 1.60 7.57 5.98
CA ASP A 109 1.29 7.86 4.55
C ASP A 109 2.01 6.86 3.65
N LEU A 110 1.27 6.33 2.68
CA LEU A 110 1.86 5.53 1.58
C LEU A 110 1.95 6.40 0.34
N ASN A 111 3.17 6.68 -0.07
CA ASN A 111 3.40 7.47 -1.30
C ASN A 111 3.73 6.48 -2.42
N VAL A 112 2.77 6.26 -3.30
CA VAL A 112 2.97 5.40 -4.49
C VAL A 112 3.60 6.26 -5.58
N VAL A 113 4.85 5.97 -5.89
CA VAL A 113 5.66 6.73 -6.89
C VAL A 113 5.40 6.18 -8.29
N ASP A 114 5.32 4.88 -8.42
CA ASP A 114 5.10 4.24 -9.74
C ASP A 114 4.07 3.14 -9.55
N LEU A 115 3.18 3.02 -10.52
CA LEU A 115 2.17 1.95 -10.53
C LEU A 115 1.77 1.70 -11.98
N THR A 116 1.98 0.48 -12.45
CA THR A 116 1.58 0.08 -13.80
C THR A 116 0.72 -1.16 -13.67
N LEU A 117 -0.41 -1.15 -14.38
CA LEU A 117 -1.35 -2.27 -14.42
C LEU A 117 -1.30 -2.89 -15.81
N GLY A 118 -1.80 -4.11 -15.93
CA GLY A 118 -1.92 -4.75 -17.23
C GLY A 118 -2.72 -6.01 -17.15
N LYS A 119 -2.85 -6.65 -18.32
CA LYS A 119 -3.59 -7.92 -18.48
CA LYS A 119 -3.57 -7.92 -18.45
C LYS A 119 -2.67 -8.93 -19.16
N LEU A 120 -2.90 -10.20 -18.92
CA LEU A 120 -2.10 -11.26 -19.57
C LEU A 120 -2.54 -11.47 -21.04
N ASN A 121 -1.55 -11.72 -21.89
CA ASN A 121 -1.68 -12.14 -23.34
C ASN A 121 -1.83 -13.70 -23.41
N PRO A 122 -3.11 -14.17 -23.61
CA PRO A 122 -3.40 -15.59 -23.34
C PRO A 122 -2.32 -16.46 -24.02
N ALA A 123 -1.80 -16.00 -25.18
CA ALA A 123 -0.83 -16.74 -26.03
C ALA A 123 0.51 -16.94 -25.31
N THR A 124 0.82 -16.13 -24.29
CA THR A 124 2.17 -16.09 -23.65
C THR A 124 2.11 -16.33 -22.13
N GLY A 125 0.96 -16.07 -21.49
CA GLY A 125 0.85 -16.03 -20.01
C GLY A 125 1.67 -14.91 -19.37
N THR A 126 2.06 -13.90 -20.14
CA THR A 126 2.75 -12.69 -19.64
C THR A 126 2.05 -11.45 -20.18
N VAL A 127 2.38 -10.30 -19.62
CA VAL A 127 1.61 -9.06 -19.84
C VAL A 127 1.58 -8.70 -21.33
N ASP A 128 0.40 -8.30 -21.77
CA ASP A 128 0.17 -7.75 -23.13
C ASP A 128 0.61 -6.29 -23.12
N ALA A 129 1.57 -5.91 -23.95
CA ALA A 129 2.08 -4.53 -23.99
C ALA A 129 0.93 -3.55 -24.19
N ASP A 130 -0.02 -3.87 -25.08
CA ASP A 130 -1.11 -2.93 -25.40
C ASP A 130 -2.09 -2.76 -24.23
N SER A 131 -2.06 -3.67 -23.26
CA SER A 131 -2.97 -3.61 -22.09
C SER A 131 -2.40 -2.71 -20.98
N GLU A 132 -1.13 -2.35 -21.05
CA GLU A 132 -0.50 -1.71 -19.89
C GLU A 132 -1.10 -0.33 -19.69
N TYR A 133 -1.25 0.01 -18.42
CA TYR A 133 -1.87 1.28 -17.99
C TYR A 133 -0.96 1.92 -16.95
N GLU A 134 -0.51 3.13 -17.26
CA GLU A 134 0.39 3.90 -16.39
C GLU A 134 -0.47 4.66 -15.37
N ALA A 135 -0.71 4.04 -14.23
CA ALA A 135 -1.57 4.61 -13.18
C ALA A 135 -0.85 5.75 -12.45
N VAL A 136 0.42 5.55 -12.12
CA VAL A 136 1.26 6.58 -11.47
C VAL A 136 2.65 6.49 -12.10
N VAL A 137 3.21 7.63 -12.47
CA VAL A 137 4.56 7.70 -13.08
C VAL A 137 5.35 8.78 -12.34
N ASN A 138 6.41 8.40 -11.61
CA ASN A 138 7.24 9.37 -10.85
C ASN A 138 6.35 10.30 -10.02
N GLY A 139 5.34 9.74 -9.36
CA GLY A 139 4.46 10.49 -8.45
C GLY A 139 3.31 11.18 -9.17
N ASP A 140 3.28 11.17 -10.50
CA ASP A 140 2.20 11.85 -11.27
C ASP A 140 1.09 10.82 -11.49
N MET A 141 -0.09 11.03 -10.89
CA MET A 141 -1.23 10.11 -11.02
C MET A 141 -1.94 10.39 -12.34
N ALA A 142 -2.45 9.35 -12.96
CA ALA A 142 -3.24 9.48 -14.19
C ALA A 142 -4.56 10.21 -13.92
N ASN A 143 -5.02 11.00 -14.89
CA ASN A 143 -6.30 11.72 -14.77
C ASN A 143 -7.45 10.76 -14.46
N ASP A 144 -7.43 9.58 -15.05
CA ASP A 144 -8.55 8.60 -14.95
C ASP A 144 -8.16 7.46 -14.01
N LEU A 145 -7.26 7.70 -13.06
CA LEU A 145 -6.79 6.65 -12.14
C LEU A 145 -7.97 5.86 -11.54
N PHE A 146 -9.01 6.53 -11.07
CA PHE A 146 -10.08 5.86 -10.31
C PHE A 146 -11.08 5.14 -11.23
N ASP A 147 -10.96 5.32 -12.54
CA ASP A 147 -11.65 4.40 -13.48
C ASP A 147 -10.97 3.04 -13.45
N HIS A 148 -9.68 3.00 -13.11
CA HIS A 148 -8.84 1.79 -13.24
C HIS A 148 -8.59 1.09 -11.91
N ILE A 149 -8.67 1.81 -10.79
CA ILE A 149 -8.46 1.17 -9.47
C ILE A 149 -9.54 1.61 -8.51
N ASN A 150 -9.70 0.78 -7.49
CA ASN A 150 -10.27 1.19 -6.19
C ASN A 150 -9.16 1.05 -5.17
N SER A 151 -9.27 1.79 -4.07
CA SER A 151 -8.24 1.70 -3.03
C SER A 151 -8.85 2.10 -1.70
N ASP A 152 -8.18 1.71 -0.64
CA ASP A 152 -8.64 2.10 0.70
C ASP A 152 -7.46 2.01 1.64
N ALA A 153 -7.48 2.87 2.64
CA ALA A 153 -6.47 2.92 3.71
C ALA A 153 -7.16 2.47 4.99
N LYS A 154 -6.58 1.50 5.70
CA LYS A 154 -7.19 0.88 6.90
C LYS A 154 -6.21 0.92 8.05
N VAL A 155 -6.76 1.15 9.23
CA VAL A 155 -6.00 1.15 10.50
C VAL A 155 -6.78 0.27 11.47
N GLU A 156 -6.19 -0.83 11.91
CA GLU A 156 -6.92 -1.84 12.70
C GLU A 156 -5.99 -2.42 13.76
N ALA A 157 -6.57 -2.89 14.85
CA ALA A 157 -5.83 -3.68 15.84
C ALA A 157 -5.16 -4.86 15.14
N TYR A 158 -3.90 -5.11 15.45
CA TYR A 158 -3.12 -6.25 14.92
C TYR A 158 -3.65 -7.54 15.55
N VAL A 159 -3.75 -8.58 14.72
CA VAL A 159 -4.22 -9.93 15.15
C VAL A 159 -3.22 -10.97 14.62
#